data_5MXO
#
_entry.id   5MXO
#
_cell.length_a   82.688
_cell.length_b   111.560
_cell.length_c   62.690
_cell.angle_alpha   90.000
_cell.angle_beta   90.000
_cell.angle_gamma   90.000
#
_symmetry.space_group_name_H-M   'C 2 2 21'
#
loop_
_entity.id
_entity.type
_entity.pdbx_description
1 polymer '14-3-3 protein sigma'
2 polymer 'p53 C-terminal 12 amino acids'
3 non-polymer FUSICOCCIN
4 non-polymer 'CHLORIDE ION'
5 non-polymer 'MAGNESIUM ION'
6 water water
#
loop_
_entity_poly.entity_id
_entity_poly.type
_entity_poly.pdbx_seq_one_letter_code
_entity_poly.pdbx_strand_id
1 'polypeptide(L)'
;GAMGSMERASLIQKAKLAEQAERYEDMAAFMKGAVEKGEELSCEERNLLSVAYKNVVGGQRAAWRVLSSIEQKSNEEGSE
EKGPEVREYREKVETELQGVCDTVLGLLDSHLIKEAGDAESRVFYLKMKGDYYRYLAEVATGDDKKRIIDSARSAYQEAM
DISKKEMPPTNPIRLGLALNFSVFHYEIANSPEEAISLAKTTFDEAMADLHTLSEDSYKDSTLIMQLLRDNLTLWT
;
A
2 'polypeptide(L)' FK(TPO) P
#
# COMPACT_ATOMS: atom_id res chain seq x y z
N GLY A 1 17.67 -14.44 10.65
CA GLY A 1 17.49 -13.06 10.14
C GLY A 1 18.24 -12.19 11.11
N ALA A 2 18.69 -11.01 10.65
CA ALA A 2 19.57 -10.15 11.42
C ALA A 2 18.90 -9.66 12.67
N MET A 3 17.56 -9.64 12.70
CA MET A 3 16.84 -9.18 13.88
C MET A 3 16.46 -10.33 14.82
N GLY A 4 16.86 -11.56 14.52
CA GLY A 4 16.44 -12.71 15.28
C GLY A 4 16.83 -12.67 16.73
N SER A 5 17.92 -11.97 17.07
N SER A 5 17.91 -11.95 17.06
CA SER A 5 18.37 -11.90 18.45
CA SER A 5 18.40 -11.87 18.43
C SER A 5 17.74 -10.78 19.25
C SER A 5 17.68 -10.82 19.26
N MET A 6 16.95 -9.91 18.63
CA MET A 6 16.37 -8.77 19.34
C MET A 6 14.94 -9.07 19.81
N GLU A 7 14.63 -8.68 21.01
CA GLU A 7 13.29 -8.84 21.53
C GLU A 7 12.26 -8.16 20.61
N ARG A 8 11.07 -8.77 20.52
CA ARG A 8 9.96 -8.19 19.77
C ARG A 8 9.69 -6.79 20.22
N ALA A 9 9.58 -6.58 21.55
CA ALA A 9 9.20 -5.26 22.05
C ALA A 9 10.30 -4.23 21.68
N SER A 10 11.55 -4.64 21.72
CA SER A 10 12.63 -3.77 21.35
C SER A 10 12.59 -3.39 19.86
N LEU A 11 12.24 -4.34 19.01
CA LEU A 11 12.07 -4.06 17.58
C LEU A 11 10.98 -3.01 17.36
N ILE A 12 9.84 -3.16 18.04
CA ILE A 12 8.75 -2.20 17.94
CA ILE A 12 8.78 -2.19 17.86
C ILE A 12 9.18 -0.82 18.40
N GLN A 13 9.86 -0.80 19.56
CA GLN A 13 10.37 0.47 20.09
C GLN A 13 11.32 1.15 19.11
N LYS A 14 12.21 0.39 18.54
CA LYS A 14 13.18 0.94 17.59
C LYS A 14 12.51 1.32 16.27
N ALA A 15 11.46 0.63 15.84
CA ALA A 15 10.72 1.09 14.69
C ALA A 15 10.15 2.47 14.94
N LYS A 16 9.64 2.70 16.14
CA LYS A 16 9.06 4.02 16.44
C LYS A 16 10.12 5.11 16.50
N LEU A 17 11.32 4.76 17.00
CA LEU A 17 12.44 5.70 16.96
C LEU A 17 12.86 6.00 15.53
N ALA A 18 12.94 4.96 14.70
CA ALA A 18 13.33 5.13 13.30
C ALA A 18 12.32 6.01 12.57
N GLU A 19 11.04 5.86 12.85
N GLU A 19 11.02 5.86 12.87
CA GLU A 19 10.12 6.79 12.23
CA GLU A 19 10.00 6.73 12.30
C GLU A 19 10.45 8.23 12.63
C GLU A 19 10.25 8.20 12.66
N GLN A 20 10.59 8.48 13.94
CA GLN A 20 10.85 9.84 14.39
C GLN A 20 12.05 10.40 13.70
N ALA A 21 13.06 9.55 13.42
CA ALA A 21 14.31 9.94 12.77
C ALA A 21 14.22 9.92 11.24
N GLU A 22 13.09 9.54 10.67
CA GLU A 22 12.92 9.43 9.23
CA GLU A 22 12.95 9.46 9.23
C GLU A 22 13.94 8.47 8.63
N ARG A 23 14.18 7.40 9.36
CA ARG A 23 15.06 6.32 8.92
C ARG A 23 14.20 5.15 8.49
N TYR A 24 13.62 5.25 7.30
CA TYR A 24 12.57 4.32 6.92
C TYR A 24 13.09 2.95 6.56
N GLU A 25 14.28 2.83 6.02
N GLU A 25 14.30 2.83 6.02
CA GLU A 25 14.84 1.52 5.79
CA GLU A 25 14.84 1.53 5.75
C GLU A 25 15.06 0.79 7.10
C GLU A 25 15.07 0.78 7.05
N ASP A 26 15.61 1.46 8.07
CA ASP A 26 15.76 0.84 9.38
C ASP A 26 14.40 0.46 9.95
N MET A 27 13.42 1.36 9.85
CA MET A 27 12.07 1.11 10.37
C MET A 27 11.52 -0.16 9.75
N ALA A 28 11.67 -0.32 8.43
CA ALA A 28 11.16 -1.50 7.75
C ALA A 28 11.86 -2.74 8.24
N ALA A 29 13.19 -2.68 8.38
CA ALA A 29 13.92 -3.85 8.84
C ALA A 29 13.50 -4.24 10.26
N PHE A 30 13.28 -3.26 11.15
CA PHE A 30 12.80 -3.56 12.49
C PHE A 30 11.42 -4.20 12.44
N MET A 31 10.52 -3.67 11.62
CA MET A 31 9.16 -4.21 11.54
C MET A 31 9.15 -5.59 10.87
N LYS A 32 10.00 -5.87 9.88
CA LYS A 32 10.15 -7.19 9.32
C LYS A 32 10.60 -8.17 10.44
N GLY A 33 11.57 -7.74 11.22
CA GLY A 33 12.00 -8.57 12.34
C GLY A 33 10.86 -8.87 13.28
N ALA A 34 10.05 -7.89 13.59
CA ALA A 34 8.92 -8.09 14.47
C ALA A 34 7.92 -9.08 13.88
N VAL A 35 7.58 -8.94 12.60
CA VAL A 35 6.70 -9.88 11.95
C VAL A 35 7.24 -11.29 12.07
N GLU A 36 8.52 -11.45 11.89
N GLU A 36 8.55 -11.43 11.91
CA GLU A 36 9.15 -12.77 11.87
CA GLU A 36 9.22 -12.73 11.90
C GLU A 36 9.24 -13.39 13.26
C GLU A 36 9.12 -13.44 13.24
N LYS A 37 8.80 -12.70 14.31
CA LYS A 37 8.61 -13.33 15.62
C LYS A 37 7.40 -14.28 15.62
N GLY A 38 6.51 -14.18 14.66
CA GLY A 38 5.44 -15.12 14.51
C GLY A 38 4.15 -14.77 15.20
N GLU A 39 4.10 -13.68 15.96
N GLU A 39 4.08 -13.67 15.92
CA GLU A 39 2.89 -13.21 16.61
CA GLU A 39 2.86 -13.23 16.58
C GLU A 39 2.15 -12.24 15.68
C GLU A 39 2.10 -12.29 15.62
N GLU A 40 0.84 -12.25 15.76
N GLU A 40 0.77 -12.22 15.80
CA GLU A 40 0.06 -11.28 15.03
CA GLU A 40 -0.05 -11.22 15.14
C GLU A 40 0.53 -9.86 15.41
C GLU A 40 0.34 -9.78 15.53
N LEU A 41 0.25 -8.86 14.56
CA LEU A 41 0.49 -7.46 14.79
C LEU A 41 -0.77 -6.79 15.31
N SER A 42 -0.61 -5.86 16.23
CA SER A 42 -1.67 -4.98 16.67
C SER A 42 -1.97 -3.93 15.60
N CYS A 43 -3.03 -3.17 15.80
N CYS A 43 -3.05 -3.17 15.77
CA CYS A 43 -3.36 -2.10 14.87
CA CYS A 43 -3.36 -2.10 14.82
C CYS A 43 -2.22 -1.12 14.72
C CYS A 43 -2.20 -1.12 14.71
N GLU A 44 -1.67 -0.66 15.83
CA GLU A 44 -0.56 0.30 15.79
C GLU A 44 0.63 -0.30 15.07
N GLU A 45 0.94 -1.55 15.35
CA GLU A 45 2.08 -2.21 14.71
C GLU A 45 1.86 -2.37 13.21
N ARG A 46 0.65 -2.69 12.77
CA ARG A 46 0.39 -2.76 11.34
C ARG A 46 0.68 -1.42 10.67
N ASN A 47 0.29 -0.33 11.31
CA ASN A 47 0.53 0.99 10.77
C ASN A 47 2.01 1.23 10.64
N LEU A 48 2.81 0.85 11.64
CA LEU A 48 4.25 1.02 11.53
C LEU A 48 4.81 0.24 10.35
N LEU A 49 4.38 -1.01 10.16
CA LEU A 49 4.82 -1.83 9.04
C LEU A 49 4.51 -1.12 7.72
N SER A 50 3.25 -0.72 7.56
N SER A 50 3.28 -0.63 7.59
CA SER A 50 2.83 -0.08 6.33
CA SER A 50 2.87 -0.10 6.29
C SER A 50 3.63 1.17 6.04
C SER A 50 3.55 1.24 6.01
N VAL A 51 3.74 2.08 7.02
CA VAL A 51 4.41 3.35 6.78
C VAL A 51 5.86 3.12 6.40
N ALA A 52 6.51 2.19 7.07
CA ALA A 52 7.93 1.94 6.79
C ALA A 52 8.11 1.57 5.32
N TYR A 53 7.42 0.53 4.88
CA TYR A 53 7.61 0.05 3.52
C TYR A 53 7.08 1.04 2.50
N LYS A 54 5.98 1.74 2.79
N LYS A 54 6.03 1.79 2.83
CA LYS A 54 5.48 2.74 1.87
CA LYS A 54 5.49 2.77 1.89
C LYS A 54 6.54 3.77 1.58
C LYS A 54 6.50 3.85 1.63
N ASN A 55 7.25 4.23 2.63
CA ASN A 55 8.28 5.23 2.43
C ASN A 55 9.50 4.68 1.69
N VAL A 56 9.92 3.46 1.99
CA VAL A 56 11.01 2.86 1.25
C VAL A 56 10.66 2.75 -0.23
N VAL A 57 9.53 2.11 -0.53
N VAL A 57 9.55 2.09 -0.54
CA VAL A 57 9.21 1.90 -1.91
CA VAL A 57 9.23 1.91 -1.95
C VAL A 57 8.86 3.21 -2.58
C VAL A 57 8.89 3.26 -2.59
N GLY A 58 8.32 4.20 -1.84
CA GLY A 58 8.00 5.46 -2.44
C GLY A 58 9.23 6.17 -2.97
N GLY A 59 10.34 6.12 -2.24
CA GLY A 59 11.56 6.73 -2.73
C GLY A 59 12.07 6.00 -3.94
N GLN A 60 11.94 4.68 -3.96
CA GLN A 60 12.39 3.92 -5.13
C GLN A 60 11.53 4.23 -6.36
N ARG A 61 10.21 4.35 -6.16
CA ARG A 61 9.29 4.65 -7.24
C ARG A 61 9.63 6.02 -7.82
N ALA A 62 9.83 7.00 -6.95
CA ALA A 62 10.12 8.33 -7.46
C ALA A 62 11.40 8.35 -8.27
N ALA A 63 12.42 7.63 -7.81
CA ALA A 63 13.69 7.57 -8.52
C ALA A 63 13.51 6.84 -9.84
N TRP A 64 12.77 5.72 -9.82
CA TRP A 64 12.50 4.99 -11.05
C TRP A 64 11.82 5.87 -12.06
N ARG A 65 10.83 6.66 -11.64
N ARG A 65 10.85 6.67 -11.63
CA ARG A 65 10.15 7.53 -12.60
CA ARG A 65 10.14 7.52 -12.59
C ARG A 65 11.13 8.52 -13.23
C ARG A 65 11.05 8.58 -13.20
N VAL A 66 11.99 9.14 -12.41
CA VAL A 66 12.97 10.08 -12.95
C VAL A 66 13.78 9.39 -14.05
N LEU A 67 14.30 8.21 -13.73
CA LEU A 67 15.20 7.50 -14.64
C LEU A 67 14.46 7.02 -15.88
N SER A 68 13.25 6.52 -15.70
CA SER A 68 12.47 6.06 -16.84
CA SER A 68 12.46 6.08 -16.83
C SER A 68 12.17 7.21 -17.78
N SER A 69 11.87 8.41 -17.24
N SER A 69 11.91 8.41 -17.24
CA SER A 69 11.61 9.56 -18.10
CA SER A 69 11.62 9.57 -18.07
C SER A 69 12.85 9.89 -18.92
C SER A 69 12.83 9.97 -18.87
N ILE A 70 14.03 9.89 -18.26
CA ILE A 70 15.26 10.18 -19.00
C ILE A 70 15.49 9.13 -20.07
N GLU A 71 15.23 7.87 -19.74
CA GLU A 71 15.40 6.78 -20.69
C GLU A 71 14.48 6.96 -21.89
N GLN A 72 13.20 7.26 -21.63
CA GLN A 72 12.23 7.45 -22.71
C GLN A 72 12.64 8.60 -23.60
N LYS A 73 13.12 9.69 -23.04
CA LYS A 73 13.60 10.81 -23.84
C LYS A 73 14.77 10.41 -24.70
N SER A 74 15.70 9.58 -24.17
CA SER A 74 16.85 9.11 -24.96
C SER A 74 16.43 8.26 -26.15
N ASN A 75 15.20 7.74 -26.15
CA ASN A 75 14.68 6.91 -27.21
C ASN A 75 13.72 7.67 -28.13
N GLY A 83 24.74 5.56 -24.84
CA GLY A 83 25.22 4.30 -24.27
C GLY A 83 24.22 3.63 -23.35
N PRO A 84 24.66 2.53 -22.73
CA PRO A 84 23.75 1.71 -21.92
C PRO A 84 23.50 2.22 -20.52
N GLU A 85 24.11 3.31 -20.10
CA GLU A 85 24.14 3.67 -18.66
C GLU A 85 22.75 4.00 -18.10
N VAL A 86 21.93 4.75 -18.83
CA VAL A 86 20.61 5.12 -18.28
C VAL A 86 19.77 3.85 -18.07
N ARG A 87 19.74 2.96 -19.08
N ARG A 87 19.78 2.96 -19.07
CA ARG A 87 19.01 1.70 -18.91
CA ARG A 87 19.06 1.69 -18.98
C ARG A 87 19.59 0.89 -17.77
C ARG A 87 19.59 0.86 -17.81
N GLU A 88 20.92 0.78 -17.67
CA GLU A 88 21.50 -0.03 -16.60
C GLU A 88 21.06 0.49 -15.25
N TYR A 89 21.15 1.80 -15.05
CA TYR A 89 20.85 2.35 -13.75
C TYR A 89 19.35 2.31 -13.46
N ARG A 90 18.50 2.55 -14.46
CA ARG A 90 17.09 2.30 -14.29
C ARG A 90 16.82 0.87 -13.87
N GLU A 91 17.49 -0.09 -14.52
N GLU A 91 17.52 -0.09 -14.47
CA GLU A 91 17.31 -1.49 -14.18
CA GLU A 91 17.34 -1.49 -14.08
C GLU A 91 17.75 -1.78 -12.78
C GLU A 91 17.77 -1.73 -12.64
N LYS A 92 18.83 -1.13 -12.33
N LYS A 92 18.93 -1.19 -12.25
CA LYS A 92 19.33 -1.33 -10.96
CA LYS A 92 19.39 -1.32 -10.87
C LYS A 92 18.29 -0.88 -9.93
C LYS A 92 18.29 -0.89 -9.90
N VAL A 93 17.76 0.32 -10.11
CA VAL A 93 16.71 0.81 -9.21
C VAL A 93 15.48 -0.09 -9.29
N GLU A 94 15.11 -0.50 -10.51
CA GLU A 94 13.94 -1.33 -10.68
C GLU A 94 14.10 -2.64 -9.93
N THR A 95 15.28 -3.29 -10.04
N THR A 95 15.27 -3.29 -10.01
CA THR A 95 15.48 -4.56 -9.37
CA THR A 95 15.39 -4.58 -9.34
C THR A 95 15.37 -4.37 -7.86
C THR A 95 15.44 -4.41 -7.82
N GLU A 96 15.93 -3.26 -7.35
CA GLU A 96 15.85 -3.03 -5.90
CA GLU A 96 15.85 -2.99 -5.91
C GLU A 96 14.39 -2.83 -5.47
N LEU A 97 13.62 -2.08 -6.25
CA LEU A 97 12.20 -1.88 -5.96
C LEU A 97 11.48 -3.20 -5.96
N GLN A 98 11.70 -4.02 -6.99
CA GLN A 98 11.07 -5.33 -7.05
C GLN A 98 11.42 -6.15 -5.83
N GLY A 99 12.66 -6.07 -5.37
CA GLY A 99 13.07 -6.84 -4.22
C GLY A 99 12.30 -6.43 -2.99
N VAL A 100 12.11 -5.13 -2.78
CA VAL A 100 11.33 -4.69 -1.63
C VAL A 100 9.89 -5.17 -1.76
N CYS A 101 9.30 -5.03 -2.94
CA CYS A 101 7.95 -5.53 -3.10
C CYS A 101 7.84 -7.01 -2.82
N ASP A 102 8.83 -7.78 -3.28
CA ASP A 102 8.82 -9.21 -3.03
C ASP A 102 8.94 -9.51 -1.54
N THR A 103 9.74 -8.70 -0.82
CA THR A 103 9.91 -8.89 0.62
C THR A 103 8.58 -8.66 1.32
N VAL A 104 7.88 -7.58 0.96
CA VAL A 104 6.61 -7.26 1.60
C VAL A 104 5.59 -8.37 1.28
N LEU A 105 5.47 -8.75 0.00
CA LEU A 105 4.53 -9.78 -0.37
C LEU A 105 4.83 -11.08 0.33
N GLY A 106 6.11 -11.37 0.54
CA GLY A 106 6.50 -12.55 1.28
C GLY A 106 6.05 -12.52 2.74
N LEU A 107 6.18 -11.38 3.40
CA LEU A 107 5.72 -11.26 4.78
C LEU A 107 4.22 -11.47 4.82
N LEU A 108 3.51 -10.88 3.86
CA LEU A 108 2.06 -11.02 3.81
C LEU A 108 1.68 -12.47 3.67
N ASP A 109 2.36 -13.18 2.76
CA ASP A 109 2.00 -14.55 2.46
C ASP A 109 2.45 -15.50 3.52
N SER A 110 3.41 -15.10 4.39
N SER A 110 3.61 -15.32 4.00
CA SER A 110 4.10 -15.92 5.42
CA SER A 110 4.11 -16.28 4.92
C SER A 110 4.43 -15.22 6.81
C SER A 110 3.56 -16.09 6.29
N HIS A 111 3.42 -14.99 7.64
N HIS A 111 3.21 -14.86 6.67
CA HIS A 111 2.10 -15.61 7.52
CA HIS A 111 3.01 -14.62 8.09
C HIS A 111 1.06 -14.52 7.92
C HIS A 111 1.69 -14.01 8.41
N LEU A 112 1.21 -13.17 7.59
CA LEU A 112 0.23 -12.18 8.06
C LEU A 112 -1.17 -12.43 7.57
N ILE A 113 -1.37 -12.71 6.28
CA ILE A 113 -2.71 -12.87 5.77
C ILE A 113 -3.37 -14.12 6.32
N LYS A 114 -2.70 -15.27 6.31
CA LYS A 114 -3.40 -16.47 6.79
C LYS A 114 -3.83 -16.42 8.26
N GLU A 115 -3.13 -15.67 9.15
CA GLU A 115 -3.48 -15.58 10.56
C GLU A 115 -4.47 -14.48 10.87
N ALA A 116 -4.81 -13.63 9.89
CA ALA A 116 -5.62 -12.43 10.15
C ALA A 116 -7.08 -12.79 9.99
N GLY A 117 -7.80 -12.81 11.10
CA GLY A 117 -9.21 -13.19 11.12
C GLY A 117 -10.17 -12.03 11.27
N ASP A 118 -9.73 -10.99 11.94
CA ASP A 118 -10.63 -9.84 12.12
C ASP A 118 -10.64 -9.03 10.85
N ALA A 119 -11.75 -8.38 10.59
CA ALA A 119 -11.90 -7.73 9.32
C ALA A 119 -10.88 -6.64 9.17
N GLU A 120 -10.57 -5.91 10.26
CA GLU A 120 -9.67 -4.77 10.15
CA GLU A 120 -9.66 -4.77 10.16
C GLU A 120 -8.32 -5.27 9.66
N SER A 121 -7.79 -6.32 10.29
N SER A 121 -7.82 -6.34 10.27
CA SER A 121 -6.46 -6.79 9.91
CA SER A 121 -6.53 -6.89 9.87
C SER A 121 -6.47 -7.44 8.55
C SER A 121 -6.58 -7.41 8.44
N ARG A 122 -7.49 -8.24 8.24
N ARG A 122 -7.51 -8.34 8.16
CA ARG A 122 -7.53 -8.91 6.95
CA ARG A 122 -7.57 -8.99 6.85
C ARG A 122 -7.57 -7.91 5.80
C ARG A 122 -7.63 -7.96 5.72
N VAL A 123 -8.47 -6.94 5.87
CA VAL A 123 -8.57 -5.92 4.84
C VAL A 123 -7.27 -5.15 4.74
N PHE A 124 -6.67 -4.78 5.87
CA PHE A 124 -5.41 -4.04 5.85
C PHE A 124 -4.36 -4.80 5.04
N TYR A 125 -4.17 -6.08 5.34
CA TYR A 125 -3.13 -6.87 4.68
C TYR A 125 -3.45 -7.12 3.22
N LEU A 126 -4.73 -7.39 2.87
CA LEU A 126 -5.07 -7.58 1.48
C LEU A 126 -4.91 -6.29 0.68
N LYS A 127 -5.21 -5.15 1.29
CA LYS A 127 -4.91 -3.86 0.66
C LYS A 127 -3.42 -3.74 0.39
N MET A 128 -2.59 -4.04 1.38
CA MET A 128 -1.15 -3.99 1.17
C MET A 128 -0.76 -4.90 0.03
N LYS A 129 -1.32 -6.11 -0.04
CA LYS A 129 -0.97 -7.02 -1.13
C LYS A 129 -1.30 -6.38 -2.47
N GLY A 130 -2.48 -5.78 -2.61
CA GLY A 130 -2.83 -5.09 -3.84
C GLY A 130 -1.88 -3.97 -4.13
N ASP A 131 -1.53 -3.18 -3.13
CA ASP A 131 -0.58 -2.06 -3.31
C ASP A 131 0.74 -2.53 -3.86
N TYR A 132 1.34 -3.57 -3.29
CA TYR A 132 2.68 -3.96 -3.70
C TYR A 132 2.65 -4.67 -5.05
N TYR A 133 1.60 -5.42 -5.37
CA TYR A 133 1.44 -5.85 -6.77
C TYR A 133 1.24 -4.66 -7.69
N ARG A 134 0.55 -3.62 -7.27
CA ARG A 134 0.42 -2.44 -8.09
C ARG A 134 1.79 -1.83 -8.36
N TYR A 135 2.64 -1.72 -7.34
CA TYR A 135 3.96 -1.14 -7.56
C TYR A 135 4.77 -2.01 -8.54
N LEU A 136 4.64 -3.33 -8.41
CA LEU A 136 5.26 -4.24 -9.40
C LEU A 136 4.74 -4.01 -10.77
N ALA A 137 3.45 -3.75 -10.88
CA ALA A 137 2.82 -3.51 -12.19
C ALA A 137 3.29 -2.22 -12.84
N GLU A 138 3.63 -1.21 -12.04
CA GLU A 138 4.06 0.07 -12.61
C GLU A 138 5.36 -0.07 -13.40
N VAL A 139 6.19 -1.07 -13.08
CA VAL A 139 7.49 -1.31 -13.74
C VAL A 139 7.50 -2.52 -14.65
N ALA A 140 6.44 -3.28 -14.70
CA ALA A 140 6.41 -4.53 -15.46
C ALA A 140 6.11 -4.26 -16.89
N THR A 141 6.53 -5.17 -17.75
CA THR A 141 6.16 -5.03 -19.16
C THR A 141 5.39 -6.22 -19.82
N ASP A 144 3.62 -11.10 -18.33
CA ASP A 144 4.23 -10.58 -17.10
C ASP A 144 3.34 -9.51 -16.40
N LYS A 145 3.27 -8.36 -17.06
CA LYS A 145 2.45 -7.29 -16.55
C LYS A 145 1.03 -7.78 -16.32
N LYS A 146 0.47 -8.55 -17.25
CA LYS A 146 -0.93 -8.90 -17.10
C LYS A 146 -1.18 -9.75 -15.86
N ARG A 147 -0.30 -10.70 -15.56
CA ARG A 147 -0.47 -11.54 -14.39
C ARG A 147 -0.33 -10.74 -13.11
N ILE A 148 0.62 -9.82 -13.07
CA ILE A 148 0.80 -8.96 -11.91
C ILE A 148 -0.44 -8.11 -11.70
N ILE A 149 -0.96 -7.49 -12.77
CA ILE A 149 -2.18 -6.71 -12.69
C ILE A 149 -3.31 -7.55 -12.13
N ASP A 150 -3.46 -8.78 -12.59
CA ASP A 150 -4.52 -9.64 -12.08
C ASP A 150 -4.34 -9.95 -10.60
N SER A 151 -3.10 -10.14 -10.14
CA SER A 151 -2.84 -10.39 -8.73
C SER A 151 -3.20 -9.17 -7.88
N ALA A 152 -2.92 -7.96 -8.37
CA ALA A 152 -3.28 -6.76 -7.64
C ALA A 152 -4.80 -6.69 -7.58
N ARG A 153 -5.47 -6.86 -8.73
CA ARG A 153 -6.92 -6.76 -8.77
CA ARG A 153 -6.93 -6.76 -8.78
C ARG A 153 -7.58 -7.75 -7.82
N SER A 154 -7.09 -8.98 -7.79
CA SER A 154 -7.73 -10.00 -6.97
CA SER A 154 -7.73 -10.01 -6.97
C SER A 154 -7.58 -9.68 -5.49
N ALA A 155 -6.42 -9.19 -5.08
CA ALA A 155 -6.21 -8.81 -3.69
C ALA A 155 -7.13 -7.64 -3.31
N TYR A 156 -7.15 -6.60 -4.12
CA TYR A 156 -8.01 -5.45 -3.86
C TYR A 156 -9.46 -5.88 -3.81
N GLN A 157 -9.89 -6.76 -4.71
CA GLN A 157 -11.30 -7.13 -4.75
C GLN A 157 -11.69 -7.93 -3.50
N GLU A 158 -10.82 -8.86 -3.06
CA GLU A 158 -11.15 -9.59 -1.85
C GLU A 158 -11.22 -8.64 -0.69
N ALA A 159 -10.30 -7.66 -0.60
CA ALA A 159 -10.35 -6.69 0.48
C ALA A 159 -11.64 -5.87 0.44
N MET A 160 -12.03 -5.48 -0.77
CA MET A 160 -13.25 -4.69 -0.96
CA MET A 160 -13.24 -4.70 -0.97
C MET A 160 -14.46 -5.48 -0.49
N ASP A 161 -14.54 -6.76 -0.83
CA ASP A 161 -15.71 -7.56 -0.46
C ASP A 161 -15.84 -7.64 1.05
N ILE A 162 -14.72 -7.85 1.74
CA ILE A 162 -14.75 -7.92 3.20
C ILE A 162 -15.10 -6.58 3.80
N SER A 163 -14.50 -5.51 3.31
CA SER A 163 -14.69 -4.18 3.87
C SER A 163 -16.15 -3.75 3.76
N LYS A 164 -16.80 -4.05 2.64
CA LYS A 164 -18.20 -3.68 2.47
C LYS A 164 -19.11 -4.48 3.36
N LYS A 165 -18.75 -5.69 3.69
CA LYS A 165 -19.58 -6.51 4.57
CA LYS A 165 -19.57 -6.52 4.57
C LYS A 165 -19.35 -6.18 6.04
N GLU A 166 -18.14 -5.80 6.41
CA GLU A 166 -17.73 -5.79 7.83
C GLU A 166 -17.38 -4.44 8.39
N MET A 167 -17.21 -3.41 7.61
CA MET A 167 -16.76 -2.11 8.09
CA MET A 167 -16.79 -2.13 8.14
C MET A 167 -17.74 -1.05 7.65
N PRO A 168 -17.89 0.03 8.43
CA PRO A 168 -18.74 1.16 7.99
C PRO A 168 -18.08 1.93 6.86
N PRO A 169 -18.87 2.68 6.07
CA PRO A 169 -18.32 3.41 4.94
C PRO A 169 -17.30 4.43 5.27
N THR A 170 -17.25 4.94 6.51
CA THR A 170 -16.28 5.92 6.92
C THR A 170 -15.03 5.32 7.52
N ASN A 171 -14.94 4.01 7.67
CA ASN A 171 -13.73 3.41 8.25
C ASN A 171 -12.51 3.79 7.42
N PRO A 172 -11.42 4.27 8.03
CA PRO A 172 -10.31 4.76 7.24
C PRO A 172 -9.65 3.71 6.38
N ILE A 173 -9.57 2.47 6.87
CA ILE A 173 -8.99 1.40 6.07
C ILE A 173 -9.87 1.18 4.84
N ARG A 174 -11.18 1.10 5.05
CA ARG A 174 -12.08 0.95 3.92
C ARG A 174 -11.91 2.08 2.92
N LEU A 175 -11.84 3.30 3.42
CA LEU A 175 -11.68 4.45 2.53
C LEU A 175 -10.36 4.38 1.78
N GLY A 176 -9.25 4.10 2.46
CA GLY A 176 -7.95 4.07 1.80
C GLY A 176 -7.86 2.97 0.79
N LEU A 177 -8.47 1.83 1.06
CA LEU A 177 -8.56 0.75 0.10
C LEU A 177 -9.26 1.20 -1.15
N ALA A 178 -10.42 1.81 -1.00
CA ALA A 178 -11.18 2.28 -2.15
C ALA A 178 -10.41 3.32 -2.95
N LEU A 179 -9.76 4.23 -2.27
CA LEU A 179 -8.94 5.21 -2.93
C LEU A 179 -7.88 4.53 -3.78
N ASN A 180 -7.13 3.62 -3.19
CA ASN A 180 -6.04 2.97 -3.93
C ASN A 180 -6.56 2.08 -5.04
N PHE A 181 -7.67 1.37 -4.82
CA PHE A 181 -8.19 0.53 -5.88
C PHE A 181 -8.68 1.41 -7.04
N SER A 182 -9.27 2.57 -6.73
CA SER A 182 -9.68 3.48 -7.79
CA SER A 182 -9.68 3.47 -7.81
C SER A 182 -8.47 3.96 -8.60
N VAL A 183 -7.35 4.23 -7.93
CA VAL A 183 -6.13 4.61 -8.68
C VAL A 183 -5.61 3.47 -9.50
N PHE A 184 -5.68 2.25 -8.98
CA PHE A 184 -5.35 1.07 -9.79
C PHE A 184 -6.18 1.04 -11.05
N HIS A 185 -7.49 1.19 -10.96
CA HIS A 185 -8.32 1.22 -12.15
C HIS A 185 -7.89 2.28 -13.13
N TYR A 186 -7.63 3.48 -12.66
CA TYR A 186 -7.35 4.60 -13.56
C TYR A 186 -5.96 4.46 -14.22
N GLU A 187 -4.91 4.15 -13.43
CA GLU A 187 -3.47 4.27 -13.81
C GLU A 187 -2.93 2.97 -14.33
N ILE A 188 -3.45 1.84 -13.85
CA ILE A 188 -2.88 0.52 -14.15
C ILE A 188 -3.75 -0.26 -15.11
N ALA A 189 -5.03 -0.36 -14.81
CA ALA A 189 -5.94 -1.24 -15.51
C ALA A 189 -6.64 -0.60 -16.67
N ASN A 190 -6.35 0.64 -17.00
N ASN A 190 -6.29 0.65 -17.00
CA ASN A 190 -6.93 1.24 -18.19
CA ASN A 190 -6.90 1.40 -18.08
C ASN A 190 -8.45 1.34 -18.08
C ASN A 190 -8.42 1.31 -18.04
N SER A 191 -8.96 1.60 -16.87
CA SER A 191 -10.41 1.60 -16.61
C SER A 191 -10.80 2.88 -15.90
N PRO A 192 -10.68 4.04 -16.57
CA PRO A 192 -10.99 5.31 -15.87
C PRO A 192 -12.43 5.41 -15.44
N GLU A 193 -13.38 4.87 -16.19
CA GLU A 193 -14.78 4.94 -15.76
C GLU A 193 -15.01 4.16 -14.48
N GLU A 194 -14.37 3.00 -14.34
CA GLU A 194 -14.49 2.23 -13.12
C GLU A 194 -13.87 2.99 -11.96
N ALA A 195 -12.71 3.62 -12.22
CA ALA A 195 -12.07 4.44 -11.20
C ALA A 195 -12.97 5.55 -10.69
N ILE A 196 -13.58 6.27 -11.61
CA ILE A 196 -14.46 7.39 -11.25
C ILE A 196 -15.67 6.88 -10.50
N SER A 197 -16.30 5.81 -10.99
CA SER A 197 -17.47 5.24 -10.31
CA SER A 197 -17.47 5.29 -10.31
C SER A 197 -17.14 4.85 -8.89
N LEU A 198 -16.00 4.18 -8.69
CA LEU A 198 -15.63 3.73 -7.38
C LEU A 198 -15.37 4.89 -6.46
N ALA A 199 -14.62 5.88 -6.94
CA ALA A 199 -14.31 7.00 -6.06
C ALA A 199 -15.58 7.76 -5.69
N LYS A 200 -16.48 7.98 -6.65
N LYS A 200 -16.49 7.93 -6.64
CA LYS A 200 -17.74 8.66 -6.37
CA LYS A 200 -17.70 8.68 -6.35
C LYS A 200 -18.56 7.92 -5.31
C LYS A 200 -18.65 7.96 -5.40
N THR A 201 -18.87 6.67 -5.59
CA THR A 201 -19.72 5.89 -4.70
CA THR A 201 -19.75 5.96 -4.67
C THR A 201 -19.13 5.87 -3.30
N THR A 202 -17.81 5.70 -3.22
CA THR A 202 -17.15 5.66 -1.92
C THR A 202 -17.33 6.98 -1.21
N PHE A 203 -17.06 8.10 -1.91
CA PHE A 203 -17.17 9.39 -1.28
C PHE A 203 -18.59 9.64 -0.81
N ASP A 204 -19.58 9.40 -1.68
CA ASP A 204 -20.95 9.70 -1.32
C ASP A 204 -21.44 8.85 -0.16
N GLU A 205 -21.05 7.59 -0.10
CA GLU A 205 -21.50 6.73 0.99
C GLU A 205 -20.86 7.12 2.29
N ALA A 206 -19.62 7.59 2.24
CA ALA A 206 -18.98 8.09 3.45
C ALA A 206 -19.61 9.38 3.94
N MET A 207 -19.95 10.28 3.01
CA MET A 207 -20.62 11.51 3.42
CA MET A 207 -20.62 11.51 3.41
CA MET A 207 -20.63 11.52 3.41
C MET A 207 -21.86 11.22 4.23
N ALA A 208 -22.66 10.23 3.79
CA ALA A 208 -23.92 9.91 4.40
C ALA A 208 -23.75 9.23 5.78
N ASP A 209 -22.55 8.78 6.16
CA ASP A 209 -22.27 8.07 7.41
C ASP A 209 -21.48 8.93 8.38
N LEU A 210 -21.19 10.17 8.01
CA LEU A 210 -20.43 11.02 8.90
C LEU A 210 -21.15 11.24 10.23
N HIS A 211 -22.47 11.18 10.18
CA HIS A 211 -23.32 11.57 11.26
C HIS A 211 -23.17 10.71 12.44
N THR A 212 -22.67 9.51 12.25
CA THR A 212 -22.56 8.57 13.33
C THR A 212 -21.29 8.76 14.10
N LEU A 213 -20.42 9.68 13.69
CA LEU A 213 -19.05 9.72 14.16
C LEU A 213 -18.81 10.81 15.19
N SER A 214 -17.85 10.51 16.06
CA SER A 214 -17.29 11.46 17.02
C SER A 214 -16.49 12.54 16.27
N LYS A 219 -10.04 12.39 11.46
CA LYS A 219 -8.94 13.12 10.77
C LYS A 219 -8.40 12.24 9.63
N ASP A 220 -8.11 10.96 9.96
N ASP A 220 -8.15 10.96 9.88
CA ASP A 220 -7.66 10.07 8.91
CA ASP A 220 -7.69 10.09 8.80
C ASP A 220 -8.70 9.96 7.78
C ASP A 220 -8.72 10.02 7.68
N SER A 221 -10.00 10.05 8.09
N SER A 221 -9.96 9.67 8.03
CA SER A 221 -11.00 9.72 7.08
CA SER A 221 -11.07 9.62 7.08
C SER A 221 -11.45 10.92 6.28
C SER A 221 -11.14 10.89 6.29
N THR A 222 -11.46 12.12 6.85
N THR A 222 -11.11 12.03 7.00
CA THR A 222 -11.66 13.28 6.00
CA THR A 222 -11.23 13.33 6.34
C THR A 222 -10.47 13.47 5.10
C THR A 222 -10.12 13.54 5.34
N LEU A 223 -9.24 13.18 5.59
N LEU A 223 -8.88 13.18 5.71
CA LEU A 223 -8.03 13.25 4.77
CA LEU A 223 -7.79 13.24 4.72
C LEU A 223 -8.23 12.41 3.53
C LEU A 223 -8.08 12.38 3.51
N ILE A 224 -8.54 11.13 3.72
CA ILE A 224 -8.77 10.24 2.60
C ILE A 224 -9.95 10.71 1.77
N MET A 225 -11.07 11.16 2.39
N MET A 225 -11.02 11.19 2.39
CA MET A 225 -12.20 11.66 1.59
CA MET A 225 -12.15 11.66 1.59
C MET A 225 -11.76 12.80 0.69
C MET A 225 -11.72 12.79 0.69
N GLN A 226 -10.94 13.70 1.23
CA GLN A 226 -10.39 14.80 0.43
C GLN A 226 -9.54 14.27 -0.73
N LEU A 227 -8.76 13.22 -0.49
CA LEU A 227 -7.96 12.65 -1.58
C LEU A 227 -8.86 12.07 -2.66
N LEU A 228 -9.96 11.40 -2.28
CA LEU A 228 -10.95 10.94 -3.27
C LEU A 228 -11.49 12.11 -4.09
N ARG A 229 -11.82 13.20 -3.43
N ARG A 229 -11.88 13.18 -3.41
CA ARG A 229 -12.35 14.38 -4.10
CA ARG A 229 -12.32 14.40 -4.08
C ARG A 229 -11.29 15.02 -5.00
C ARG A 229 -11.26 14.88 -5.05
N ASP A 230 -10.03 15.01 -4.55
CA ASP A 230 -8.94 15.55 -5.38
C ASP A 230 -8.81 14.75 -6.66
N ASN A 231 -8.82 13.44 -6.56
CA ASN A 231 -8.76 12.61 -7.77
C ASN A 231 -9.97 12.82 -8.65
N LEU A 232 -11.17 12.84 -8.08
CA LEU A 232 -12.36 13.08 -8.89
C LEU A 232 -12.27 14.41 -9.65
N THR A 233 -11.75 15.45 -9.00
CA THR A 233 -11.59 16.77 -9.64
C THR A 233 -10.67 16.70 -10.85
N LEU A 234 -9.59 15.94 -10.72
CA LEU A 234 -8.66 15.75 -11.83
C LEU A 234 -9.27 14.91 -12.94
N TRP A 235 -10.10 13.92 -12.60
CA TRP A 235 -10.60 12.91 -13.54
C TRP A 235 -11.85 13.35 -14.28
N THR A 236 -12.54 14.37 -13.77
CA THR A 236 -13.82 14.76 -14.31
C THR A 236 -13.91 16.26 -14.42
N PHE B 1 -1.55 10.37 -9.15
CA PHE B 1 -2.79 10.62 -8.42
C PHE B 1 -2.65 10.22 -6.97
N LYS B 2 -3.54 10.77 -6.14
CA LYS B 2 -3.45 10.68 -4.68
C LYS B 2 -3.72 9.25 -4.24
#